data_4BVB
#
_entry.id   4BVB
#
_cell.length_a   61.500
_cell.length_b   64.150
_cell.length_c   67.830
_cell.angle_alpha   90.00
_cell.angle_beta   90.00
_cell.angle_gamma   90.00
#
_symmetry.space_group_name_H-M   'P 21 21 21'
#
loop_
_entity.id
_entity.type
_entity.pdbx_description
1 polymer 'NAD-DEPENDENT PROTEIN DEACETYLASE SIRTUIN-3, MITOCHONDRIAL'
2 non-polymer '(1S)-6-chloro-2,3,4,9-tetrahydro-1H-carbazole-1- carboxamide'
3 non-polymer '[(2R,3S,4R,5R)-5-(6-AMINOPURIN-9-YL)-3,4-DIHYDROXY-OXOLAN-2-YL]METHYL [HYDROXY-[[(2R,3S,4R,5S)-3,4,5-TRIHYDROXYOXOLAN-2-YL]METHOXY]PHOSPHORYL] HYDROGEN PHOSPHATE'
4 non-polymer 'ZINC ION'
5 water water
#
_entity_poly.entity_id   1
_entity_poly.type   'polypeptide(L)'
_entity_poly.pdbx_seq_one_letter_code
;GSSDKGKLSLQDVAELIRARACQRVVVMVGAGISTPSGIPDFRSPGSGLYSNLQQYDLPYPEAIFELPFFFHNPKPFFTL
AKELYPGNYKPNVTHYFLRLLHDKGLLLRLYTQNIDGLERVSGIPASKLVEAHGTFASATCTVCQRPFPGEDIRADVMAD
RVPRCPVCTGVVKPDIVFFGEPLPQRFLLHVVDFPMADLLLILGTSLEVEPFASLTEAVRSSVPRLLINRDLVGPLAWHP
RSRDVAQLGDVVHGVESLVELLGWTEEMRDLVQRETGKLDGPDK
;
_entity_poly.pdbx_strand_id   A
#
loop_
_chem_comp.id
_chem_comp.type
_chem_comp.name
_chem_comp.formula
AR6 non-polymer '[(2R,3S,4R,5R)-5-(6-AMINOPURIN-9-YL)-3,4-DIHYDROXY-OXOLAN-2-YL]METHYL [HYDROXY-[[(2R,3S,4R,5S)-3,4,5-TRIHYDROXYOXOLAN-2-YL]METHOXY]PHOSPHORYL] HYDROGEN PHOSPHATE' 'C15 H23 N5 O14 P2'
OCZ non-polymer '(1S)-6-chloro-2,3,4,9-tetrahydro-1H-carbazole-1- carboxamide' 'C13 H13 Cl N2 O'
ZN non-polymer 'ZINC ION' 'Zn 2'
#
# COMPACT_ATOMS: atom_id res chain seq x y z
N LYS A 7 19.16 8.21 20.39
CA LYS A 7 18.19 7.27 19.72
C LYS A 7 16.83 7.59 20.23
N LEU A 8 15.90 7.92 19.32
CA LEU A 8 14.50 8.21 19.69
C LEU A 8 13.78 6.94 20.07
N SER A 9 12.81 7.02 20.97
CA SER A 9 12.05 5.82 21.29
C SER A 9 10.66 5.98 20.63
N LEU A 10 9.83 4.94 20.66
CA LEU A 10 8.46 5.04 20.15
C LEU A 10 7.68 6.10 20.92
N GLN A 11 7.95 6.18 22.23
CA GLN A 11 7.39 7.24 23.09
C GLN A 11 7.80 8.63 22.65
N ASP A 12 9.09 8.85 22.36
CA ASP A 12 9.49 10.17 21.84
C ASP A 12 8.68 10.56 20.62
N VAL A 13 8.49 9.61 19.69
CA VAL A 13 7.70 9.94 18.47
C VAL A 13 6.29 10.30 18.82
N ALA A 14 5.68 9.56 19.73
CA ALA A 14 4.28 9.81 20.08
C ALA A 14 4.13 11.21 20.70
N GLU A 15 5.09 11.57 21.56
CA GLU A 15 5.18 12.93 22.20
C GLU A 15 5.33 14.03 21.13
N LEU A 16 6.13 13.74 20.08
CA LEU A 16 6.32 14.71 18.99
C LEU A 16 5.01 14.95 18.28
N ILE A 17 4.27 13.87 18.05
CA ILE A 17 2.98 13.94 17.41
C ILE A 17 1.96 14.61 18.33
N ARG A 18 1.94 14.20 19.61
CA ARG A 18 1.00 14.82 20.59
C ARG A 18 1.18 16.34 20.63
N ALA A 19 2.43 16.79 20.67
CA ALA A 19 2.77 18.22 20.66
C ALA A 19 2.46 18.92 19.34
N ARG A 20 2.08 18.17 18.32
CA ARG A 20 2.10 18.75 16.97
C ARG A 20 3.48 19.34 16.60
N ALA A 21 4.56 18.78 17.12
CA ALA A 21 5.89 19.08 16.56
C ALA A 21 6.09 18.33 15.22
N CYS A 22 5.43 17.19 15.05
CA CYS A 22 5.33 16.55 13.72
C CYS A 22 3.92 16.74 13.33
N GLN A 23 3.69 17.50 12.27
CA GLN A 23 2.35 17.86 11.77
C GLN A 23 2.15 17.55 10.29
N ARG A 24 3.21 17.14 9.60
CA ARG A 24 3.07 16.79 8.19
C ARG A 24 3.66 15.39 7.96
N VAL A 25 2.86 14.37 8.30
CA VAL A 25 3.28 12.99 8.30
C VAL A 25 3.12 12.46 6.87
N VAL A 26 4.25 12.01 6.31
CA VAL A 26 4.16 11.19 5.07
C VAL A 26 4.21 9.69 5.46
N VAL A 27 3.36 8.88 4.82
CA VAL A 27 3.27 7.46 5.23
C VAL A 27 3.48 6.62 3.96
N MET A 28 4.28 5.57 4.10
CA MET A 28 4.55 4.64 3.01
C MET A 28 4.13 3.25 3.51
N VAL A 29 3.36 2.52 2.72
CA VAL A 29 2.90 1.20 3.17
C VAL A 29 3.02 0.18 2.07
N GLY A 30 3.03 -1.08 2.47
CA GLY A 30 3.04 -2.15 1.46
C GLY A 30 2.09 -3.29 1.92
N ALA A 31 2.34 -4.49 1.39
CA ALA A 31 1.38 -5.61 1.53
C ALA A 31 1.22 -6.12 2.94
N GLY A 32 2.24 -5.83 3.76
CA GLY A 32 2.18 -6.27 5.15
C GLY A 32 1.07 -5.64 5.98
N ILE A 33 0.58 -4.44 5.56
CA ILE A 33 -0.52 -3.80 6.31
C ILE A 33 -1.89 -4.50 6.02
N SER A 34 -1.93 -5.33 4.98
CA SER A 34 -3.18 -6.01 4.65
C SER A 34 -3.20 -7.51 4.90
N THR A 35 -2.06 -8.11 5.28
CA THR A 35 -2.08 -9.46 5.81
C THR A 35 -3.05 -9.65 7.00
N PRO A 36 -3.14 -8.67 7.93
CA PRO A 36 -4.23 -8.86 8.95
C PRO A 36 -5.68 -8.85 8.42
N SER A 37 -5.93 -8.27 7.23
CA SER A 37 -7.23 -8.36 6.56
C SER A 37 -7.47 -9.64 5.74
N GLY A 38 -6.49 -10.57 5.68
CA GLY A 38 -6.65 -11.83 4.89
C GLY A 38 -6.09 -11.81 3.49
N ILE A 39 -5.33 -10.75 3.17
CA ILE A 39 -4.69 -10.64 1.83
C ILE A 39 -3.20 -10.99 2.07
N PRO A 40 -2.69 -12.01 1.36
CA PRO A 40 -1.26 -12.36 1.51
C PRO A 40 -0.35 -11.24 0.97
N ASP A 41 0.87 -11.18 1.53
CA ASP A 41 1.93 -10.31 0.98
C ASP A 41 2.67 -11.11 -0.09
N PHE A 42 3.84 -10.67 -0.48
CA PHE A 42 4.51 -11.38 -1.53
C PHE A 42 5.56 -12.33 -1.04
N ARG A 43 6.29 -11.92 -0.01
CA ARG A 43 7.59 -12.46 0.29
C ARG A 43 7.65 -13.22 1.63
N SER A 44 6.59 -13.22 2.45
CA SER A 44 6.64 -13.93 3.69
C SER A 44 6.82 -15.41 3.38
N PRO A 45 7.73 -16.08 4.14
CA PRO A 45 7.88 -17.52 4.02
C PRO A 45 6.55 -18.20 4.22
N GLY A 46 6.25 -19.17 3.39
CA GLY A 46 5.08 -20.00 3.63
C GLY A 46 3.80 -19.38 3.11
N SER A 47 3.45 -18.16 3.55
CA SER A 47 2.17 -17.61 3.11
C SER A 47 2.25 -16.62 1.95
N GLY A 48 3.41 -16.15 1.62
CA GLY A 48 3.50 -15.09 0.58
C GLY A 48 3.04 -15.63 -0.76
N LEU A 49 2.46 -14.74 -1.57
CA LEU A 49 2.07 -15.09 -2.90
C LEU A 49 3.18 -15.82 -3.68
N TYR A 50 4.45 -15.47 -3.47
CA TYR A 50 5.48 -16.11 -4.29
C TYR A 50 5.62 -17.57 -4.08
N SER A 51 5.21 -18.03 -2.92
CA SER A 51 5.53 -19.38 -2.60
C SER A 51 4.37 -20.35 -2.81
N ASN A 52 3.26 -19.89 -3.43
CA ASN A 52 2.03 -20.69 -3.52
C ASN A 52 1.38 -20.74 -4.92
N LEU A 53 2.15 -20.36 -5.94
CA LEU A 53 1.68 -20.31 -7.31
C LEU A 53 1.84 -21.55 -8.24
N GLN A 54 2.06 -22.77 -7.69
CA GLN A 54 2.28 -23.97 -8.54
C GLN A 54 1.11 -24.30 -9.46
N GLN A 55 -0.12 -24.13 -8.99
CA GLN A 55 -1.31 -24.43 -9.79
C GLN A 55 -1.30 -23.57 -11.07
N TYR A 56 -0.52 -22.50 -11.13
CA TYR A 56 -0.64 -21.69 -12.35
C TYR A 56 0.38 -22.05 -13.42
N ASP A 57 1.37 -22.86 -13.03
CA ASP A 57 2.32 -23.47 -13.98
C ASP A 57 3.11 -22.36 -14.72
N LEU A 58 3.57 -21.35 -13.96
CA LEU A 58 4.24 -20.19 -14.52
C LEU A 58 5.70 -20.51 -14.88
N PRO A 59 6.37 -19.62 -15.63
CA PRO A 59 7.79 -19.86 -15.90
C PRO A 59 8.61 -19.58 -14.61
N TYR A 60 8.12 -18.64 -13.79
CA TYR A 60 8.70 -18.33 -12.47
C TYR A 60 7.59 -17.49 -11.75
N PRO A 61 7.61 -17.45 -10.42
CA PRO A 61 6.50 -16.82 -9.62
C PRO A 61 6.07 -15.43 -10.05
N GLU A 62 7.04 -14.50 -10.23
CA GLU A 62 6.77 -13.09 -10.64
C GLU A 62 6.06 -12.93 -11.91
N ALA A 63 6.13 -13.93 -12.81
CA ALA A 63 5.44 -13.86 -14.16
C ALA A 63 3.94 -13.48 -14.07
N ILE A 64 3.22 -13.93 -13.04
CA ILE A 64 1.77 -13.72 -12.98
C ILE A 64 1.43 -12.19 -12.83
N PHE A 65 2.39 -11.40 -12.36
CA PHE A 65 2.27 -9.96 -12.32
C PHE A 65 3.14 -9.23 -13.38
N GLU A 66 3.43 -9.90 -14.48
CA GLU A 66 4.25 -9.33 -15.58
C GLU A 66 3.42 -9.22 -16.84
N LEU A 67 3.63 -8.14 -17.58
CA LEU A 67 2.89 -7.90 -18.84
C LEU A 67 3.17 -8.88 -19.98
N PRO A 68 4.46 -9.27 -20.15
CA PRO A 68 4.64 -10.22 -21.24
C PRO A 68 3.96 -11.56 -21.00
N PHE A 69 4.09 -12.11 -19.80
CA PHE A 69 3.35 -13.27 -19.49
C PHE A 69 1.85 -13.04 -19.60
N PHE A 70 1.34 -11.88 -19.13
CA PHE A 70 -0.14 -11.62 -19.18
C PHE A 70 -0.63 -11.66 -20.62
N PHE A 71 0.18 -11.11 -21.51
CA PHE A 71 -0.15 -11.07 -22.98
C PHE A 71 -0.18 -12.50 -23.54
N HIS A 72 0.75 -13.34 -23.08
CA HIS A 72 0.70 -14.74 -23.48
C HIS A 72 -0.48 -15.51 -22.90
N ASN A 73 -0.79 -15.32 -21.62
CA ASN A 73 -1.86 -16.08 -21.02
C ASN A 73 -2.36 -15.26 -19.81
N PRO A 74 -3.50 -14.57 -20.02
CA PRO A 74 -4.06 -13.71 -18.96
C PRO A 74 -4.83 -14.49 -17.92
N LYS A 75 -5.05 -15.76 -18.14
CA LYS A 75 -5.93 -16.53 -17.24
CA LYS A 75 -5.93 -16.53 -17.26
C LYS A 75 -5.41 -16.66 -15.82
N PRO A 76 -4.11 -16.99 -15.66
CA PRO A 76 -3.62 -17.09 -14.29
C PRO A 76 -3.80 -15.76 -13.51
N PHE A 77 -3.43 -14.61 -14.12
CA PHE A 77 -3.72 -13.31 -13.45
C PHE A 77 -5.20 -13.11 -13.04
N PHE A 78 -6.10 -13.41 -13.96
CA PHE A 78 -7.50 -13.17 -13.63
C PHE A 78 -8.09 -14.09 -12.59
N THR A 79 -7.58 -15.34 -12.54
CA THR A 79 -8.01 -16.30 -11.48
C THR A 79 -7.55 -15.75 -10.13
N LEU A 80 -6.30 -15.32 -10.08
CA LEU A 80 -5.77 -14.70 -8.87
C LEU A 80 -6.49 -13.44 -8.53
N ALA A 81 -6.78 -12.60 -9.54
CA ALA A 81 -7.45 -11.29 -9.27
C ALA A 81 -8.85 -11.50 -8.70
N LYS A 82 -9.53 -12.55 -9.15
CA LYS A 82 -10.84 -12.88 -8.61
C LYS A 82 -10.69 -13.12 -7.08
N GLU A 83 -9.63 -13.79 -6.65
CA GLU A 83 -9.41 -14.06 -5.19
C GLU A 83 -9.12 -12.78 -4.41
N LEU A 84 -8.55 -11.79 -5.10
CA LEU A 84 -8.02 -10.58 -4.49
C LEU A 84 -8.93 -9.39 -4.72
N TYR A 85 -10.04 -9.59 -5.46
CA TYR A 85 -10.80 -8.44 -5.96
C TYR A 85 -11.43 -7.67 -4.76
N PRO A 86 -11.35 -6.31 -4.77
CA PRO A 86 -11.96 -5.56 -3.63
C PRO A 86 -13.47 -5.75 -3.49
N GLY A 87 -13.99 -5.61 -2.27
CA GLY A 87 -15.42 -5.62 -2.07
C GLY A 87 -15.82 -6.31 -0.81
N ASN A 88 -15.07 -7.34 -0.46
CA ASN A 88 -15.36 -8.00 0.81
C ASN A 88 -14.28 -8.00 1.92
N TYR A 89 -13.01 -7.80 1.53
CA TYR A 89 -11.97 -7.54 2.53
C TYR A 89 -12.28 -6.19 3.16
N LYS A 90 -11.93 -6.05 4.43
CA LYS A 90 -12.18 -4.90 5.23
C LYS A 90 -10.83 -4.35 5.70
N PRO A 91 -10.78 -3.01 5.95
CA PRO A 91 -9.58 -2.37 6.48
C PRO A 91 -9.38 -2.92 7.83
N ASN A 92 -8.14 -2.94 8.36
CA ASN A 92 -7.93 -3.34 9.72
C ASN A 92 -7.45 -2.11 10.50
N VAL A 93 -7.06 -2.32 11.75
CA VAL A 93 -6.57 -1.34 12.68
C VAL A 93 -5.41 -0.50 12.09
N THR A 94 -4.60 -1.10 11.23
CA THR A 94 -3.54 -0.32 10.57
C THR A 94 -4.14 0.80 9.69
N HIS A 95 -5.08 0.44 8.84
CA HIS A 95 -5.77 1.35 7.93
C HIS A 95 -6.52 2.41 8.78
N TYR A 96 -7.20 1.94 9.84
CA TYR A 96 -7.89 2.92 10.70
C TYR A 96 -6.98 3.89 11.48
N PHE A 97 -5.81 3.42 11.89
CA PHE A 97 -4.82 4.34 12.44
C PHE A 97 -4.43 5.46 11.47
N LEU A 98 -4.13 5.11 10.21
CA LEU A 98 -3.87 6.11 9.18
C LEU A 98 -5.09 7.05 9.01
N ARG A 99 -6.29 6.50 9.00
CA ARG A 99 -7.49 7.30 8.83
C ARG A 99 -7.56 8.32 10.00
N LEU A 100 -7.26 7.83 11.21
CA LEU A 100 -7.27 8.70 12.38
C LEU A 100 -6.20 9.80 12.28
N LEU A 101 -5.02 9.49 11.69
CA LEU A 101 -4.01 10.54 11.41
C LEU A 101 -4.59 11.63 10.53
N HIS A 102 -5.30 11.20 9.51
CA HIS A 102 -5.96 12.13 8.62
C HIS A 102 -7.08 12.99 9.35
N ASP A 103 -7.86 12.37 10.23
CA ASP A 103 -8.95 13.15 10.85
C ASP A 103 -8.31 14.13 11.82
N LYS A 104 -7.14 13.77 12.36
CA LYS A 104 -6.45 14.66 13.26
C LYS A 104 -5.65 15.73 12.49
N GLY A 105 -5.86 15.81 11.17
CA GLY A 105 -5.14 16.76 10.30
C GLY A 105 -3.61 16.64 10.20
N LEU A 106 -3.10 15.45 10.53
CA LEU A 106 -1.67 15.17 10.59
C LEU A 106 -1.10 14.52 9.31
N LEU A 107 -1.96 14.01 8.44
CA LEU A 107 -1.53 13.27 7.26
C LEU A 107 -1.22 14.18 6.10
N LEU A 108 0.04 14.30 5.70
CA LEU A 108 0.33 15.07 4.52
C LEU A 108 -0.02 14.22 3.26
N ARG A 109 0.44 12.98 3.24
CA ARG A 109 0.14 12.09 2.07
C ARG A 109 0.38 10.64 2.47
N LEU A 110 -0.40 9.71 1.89
CA LEU A 110 -0.19 8.27 2.17
CA LEU A 110 -0.18 8.28 2.16
C LEU A 110 0.16 7.66 0.81
N TYR A 111 1.39 7.13 0.68
CA TYR A 111 1.86 6.44 -0.56
C TYR A 111 1.69 4.93 -0.33
N THR A 112 0.95 4.26 -1.17
CA THR A 112 0.76 2.82 -0.93
C THR A 112 1.17 2.07 -2.17
N GLN A 113 1.84 0.97 -1.97
CA GLN A 113 2.08 -0.02 -3.01
C GLN A 113 0.97 -1.00 -3.20
N ASN A 114 -0.11 -0.91 -2.38
CA ASN A 114 -1.18 -1.91 -2.46
C ASN A 114 -2.23 -1.57 -3.48
N ILE A 115 -2.86 -2.61 -4.05
CA ILE A 115 -3.95 -2.44 -5.02
C ILE A 115 -5.32 -2.81 -4.42
N ASP A 116 -5.33 -3.18 -3.14
CA ASP A 116 -6.54 -3.71 -2.47
C ASP A 116 -7.59 -2.58 -2.23
N GLY A 117 -7.20 -1.31 -2.40
CA GLY A 117 -8.12 -0.18 -2.20
C GLY A 117 -8.53 0.08 -0.76
N LEU A 118 -7.89 -0.58 0.22
CA LEU A 118 -8.41 -0.52 1.56
C LEU A 118 -8.19 0.86 2.23
N GLU A 119 -7.21 1.63 1.74
CA GLU A 119 -7.00 3.03 2.26
C GLU A 119 -8.26 3.93 1.97
N ARG A 120 -8.74 3.87 0.76
CA ARG A 120 -10.00 4.57 0.36
C ARG A 120 -11.19 4.07 1.14
N VAL A 121 -11.35 2.73 1.21
CA VAL A 121 -12.42 2.23 2.04
C VAL A 121 -12.39 2.71 3.48
N SER A 122 -11.21 2.86 4.06
CA SER A 122 -11.19 3.21 5.47
C SER A 122 -11.63 4.69 5.62
N GLY A 123 -11.85 5.37 4.51
CA GLY A 123 -12.31 6.79 4.54
C GLY A 123 -11.22 7.86 4.39
N ILE A 124 -10.05 7.51 3.90
CA ILE A 124 -9.06 8.54 3.56
C ILE A 124 -9.40 9.15 2.22
N PRO A 125 -9.50 10.50 2.10
CA PRO A 125 -9.87 11.09 0.79
C PRO A 125 -8.80 10.78 -0.26
N ALA A 126 -9.24 10.69 -1.52
CA ALA A 126 -8.41 10.45 -2.65
C ALA A 126 -7.30 11.50 -2.72
N SER A 127 -7.59 12.74 -2.33
CA SER A 127 -6.59 13.83 -2.42
C SER A 127 -5.37 13.60 -1.50
N LYS A 128 -5.55 12.78 -0.47
CA LYS A 128 -4.48 12.44 0.47
C LYS A 128 -3.73 11.14 0.12
N LEU A 129 -4.19 10.42 -0.91
CA LEU A 129 -3.58 9.11 -1.31
C LEU A 129 -2.81 9.16 -2.64
N VAL A 130 -1.74 8.37 -2.73
CA VAL A 130 -1.05 8.14 -3.96
C VAL A 130 -0.99 6.60 -4.00
N GLU A 131 -1.84 6.05 -4.89
CA GLU A 131 -1.91 4.63 -5.23
C GLU A 131 -0.82 4.37 -6.25
N ALA A 132 0.40 4.17 -5.73
CA ALA A 132 1.61 4.11 -6.54
C ALA A 132 1.66 2.91 -7.46
N HIS A 133 0.96 1.82 -7.09
CA HIS A 133 0.84 0.66 -8.00
C HIS A 133 -0.52 0.52 -8.68
N GLY A 134 -1.29 1.65 -8.73
CA GLY A 134 -2.54 1.69 -9.47
C GLY A 134 -3.67 1.11 -8.66
N THR A 135 -4.69 0.64 -9.41
CA THR A 135 -6.00 0.47 -8.81
C THR A 135 -6.89 -0.39 -9.68
N PHE A 136 -7.77 -1.15 -9.05
CA PHE A 136 -8.83 -1.81 -9.76
C PHE A 136 -9.99 -0.83 -10.09
N ALA A 137 -9.90 0.44 -9.67
CA ALA A 137 -11.10 1.32 -9.86
C ALA A 137 -11.30 1.75 -11.34
N SER A 138 -10.28 1.52 -12.15
CA SER A 138 -10.38 1.76 -13.59
CA SER A 138 -10.27 1.82 -13.58
C SER A 138 -9.62 0.67 -14.31
N ALA A 139 -9.91 0.53 -15.62
CA ALA A 139 -9.31 -0.55 -16.46
C ALA A 139 -9.05 -0.01 -17.84
N THR A 140 -8.14 -0.65 -18.58
CA THR A 140 -7.76 -0.20 -19.93
C THR A 140 -7.62 -1.34 -20.91
N CYS A 141 -8.16 -1.17 -22.15
CA CYS A 141 -7.88 -2.13 -23.20
C CYS A 141 -6.35 -2.23 -23.43
N THR A 142 -5.78 -3.43 -23.36
CA THR A 142 -4.32 -3.51 -23.56
C THR A 142 -3.95 -3.35 -25.06
N VAL A 143 -4.92 -3.44 -25.97
CA VAL A 143 -4.69 -3.29 -27.41
C VAL A 143 -5.00 -1.84 -27.88
N CYS A 144 -6.26 -1.39 -27.75
CA CYS A 144 -6.61 -0.04 -28.24
C CYS A 144 -6.43 1.09 -27.26
N GLN A 145 -5.99 0.79 -26.02
CA GLN A 145 -5.92 1.78 -24.92
C GLN A 145 -7.24 2.45 -24.49
N ARG A 146 -8.38 1.96 -24.94
CA ARG A 146 -9.68 2.52 -24.45
C ARG A 146 -9.83 2.31 -22.92
N PRO A 147 -10.05 3.40 -22.15
CA PRO A 147 -10.35 3.25 -20.72
C PRO A 147 -11.78 2.74 -20.45
N PHE A 148 -11.95 2.12 -19.29
CA PHE A 148 -13.26 1.69 -18.86
C PHE A 148 -13.32 1.90 -17.36
N PRO A 149 -14.55 2.12 -16.84
CA PRO A 149 -14.77 2.03 -15.40
C PRO A 149 -14.40 0.63 -14.92
N GLY A 150 -13.63 0.56 -13.83
CA GLY A 150 -13.21 -0.72 -13.24
C GLY A 150 -14.40 -1.64 -12.96
N GLU A 151 -15.51 -1.09 -12.48
CA GLU A 151 -16.70 -1.90 -12.29
C GLU A 151 -17.16 -2.59 -13.58
N ASP A 152 -16.82 -2.04 -14.75
CA ASP A 152 -17.26 -2.75 -16.00
C ASP A 152 -16.72 -4.18 -16.12
N ILE A 153 -15.57 -4.49 -15.52
CA ILE A 153 -15.03 -5.86 -15.69
C ILE A 153 -15.29 -6.75 -14.48
N ARG A 154 -15.88 -6.18 -13.42
CA ARG A 154 -16.14 -6.97 -12.21
C ARG A 154 -16.89 -8.28 -12.50
N ALA A 155 -18.03 -8.19 -13.18
CA ALA A 155 -18.84 -9.41 -13.43
C ALA A 155 -18.05 -10.48 -14.20
N ASP A 156 -17.31 -10.09 -15.23
CA ASP A 156 -16.55 -11.09 -15.96
C ASP A 156 -15.55 -11.75 -15.03
N VAL A 157 -14.77 -10.92 -14.30
CA VAL A 157 -13.74 -11.44 -13.40
C VAL A 157 -14.36 -12.42 -12.37
N MET A 158 -15.51 -12.06 -11.79
CA MET A 158 -16.19 -12.94 -10.79
C MET A 158 -16.77 -14.22 -11.40
N ALA A 159 -17.10 -14.14 -12.69
CA ALA A 159 -17.57 -15.32 -13.46
C ALA A 159 -16.42 -16.04 -14.19
N ASP A 160 -15.16 -15.83 -13.83
CA ASP A 160 -14.05 -16.67 -14.39
C ASP A 160 -13.92 -16.44 -15.93
N ARG A 161 -14.35 -15.27 -16.41
CA ARG A 161 -14.14 -14.91 -17.82
C ARG A 161 -13.01 -13.83 -17.95
N VAL A 162 -12.20 -13.93 -18.98
CA VAL A 162 -11.18 -12.88 -19.25
C VAL A 162 -11.95 -11.68 -19.87
N PRO A 163 -11.86 -10.46 -19.27
CA PRO A 163 -12.64 -9.37 -19.92
C PRO A 163 -12.08 -8.91 -21.24
N ARG A 164 -12.95 -8.74 -22.23
CA ARG A 164 -12.56 -8.33 -23.58
C ARG A 164 -13.15 -6.96 -23.98
N CYS A 165 -12.39 -6.22 -24.79
CA CYS A 165 -12.76 -4.89 -25.16
C CYS A 165 -13.88 -4.95 -26.19
N PRO A 166 -15.03 -4.31 -25.88
CA PRO A 166 -16.13 -4.43 -26.84
C PRO A 166 -15.87 -3.65 -28.15
N VAL A 167 -14.82 -2.83 -28.22
CA VAL A 167 -14.47 -2.12 -29.45
C VAL A 167 -13.57 -2.97 -30.34
N CYS A 168 -12.44 -3.40 -29.79
CA CYS A 168 -11.46 -4.15 -30.56
C CYS A 168 -11.30 -5.65 -30.16
N THR A 169 -12.06 -6.11 -29.17
CA THR A 169 -11.91 -7.45 -28.51
C THR A 169 -10.55 -7.71 -27.80
N GLY A 170 -9.64 -6.72 -27.71
CA GLY A 170 -8.40 -6.90 -26.91
C GLY A 170 -8.70 -7.20 -25.42
N VAL A 171 -7.76 -7.82 -24.69
CA VAL A 171 -8.00 -8.16 -23.27
C VAL A 171 -7.98 -6.85 -22.49
N VAL A 172 -9.01 -6.64 -21.66
CA VAL A 172 -9.04 -5.45 -20.78
C VAL A 172 -8.31 -5.76 -19.44
N LYS A 173 -7.41 -4.87 -18.98
CA LYS A 173 -6.68 -5.09 -17.71
C LYS A 173 -7.02 -4.00 -16.71
N PRO A 174 -7.16 -4.33 -15.40
CA PRO A 174 -7.35 -3.23 -14.45
C PRO A 174 -6.10 -2.40 -14.46
N ASP A 175 -6.20 -1.13 -14.03
CA ASP A 175 -5.09 -0.20 -14.13
C ASP A 175 -4.13 -0.44 -12.97
N ILE A 176 -3.70 -1.69 -12.84
CA ILE A 176 -2.72 -2.10 -11.88
CA ILE A 176 -2.69 -1.90 -11.86
C ILE A 176 -1.33 -1.92 -12.54
N VAL A 177 -0.33 -1.54 -11.77
CA VAL A 177 1.00 -1.40 -12.33
C VAL A 177 1.71 -2.74 -12.26
N PHE A 178 1.74 -3.45 -13.39
CA PHE A 178 2.48 -4.72 -13.40
C PHE A 178 3.94 -4.45 -13.17
N PHE A 179 4.66 -5.49 -12.71
CA PHE A 179 6.05 -5.38 -12.25
C PHE A 179 6.91 -4.78 -13.35
N GLY A 180 7.64 -3.71 -13.01
CA GLY A 180 8.50 -2.98 -13.95
C GLY A 180 7.78 -2.17 -15.02
N GLU A 181 6.44 -2.00 -14.92
CA GLU A 181 5.65 -1.02 -15.76
C GLU A 181 5.79 0.42 -15.17
N PRO A 182 5.52 1.46 -15.96
CA PRO A 182 5.58 2.88 -15.55
C PRO A 182 4.61 3.22 -14.39
N LEU A 183 5.11 3.94 -13.41
CA LEU A 183 4.22 4.32 -12.32
CA LEU A 183 4.36 4.51 -12.30
C LEU A 183 3.23 5.45 -12.76
N PRO A 184 2.10 5.56 -12.04
CA PRO A 184 1.06 6.52 -12.48
C PRO A 184 1.49 7.97 -12.27
N GLN A 185 0.84 8.87 -13.00
CA GLN A 185 1.23 10.25 -12.99
C GLN A 185 1.12 10.85 -11.59
N ARG A 186 0.15 10.38 -10.81
CA ARG A 186 0.02 10.79 -9.45
C ARG A 186 1.22 10.53 -8.54
N PHE A 187 2.04 9.51 -8.85
CA PHE A 187 3.21 9.20 -8.07
C PHE A 187 4.25 10.35 -8.15
N LEU A 188 4.20 11.17 -9.21
CA LEU A 188 5.12 12.34 -9.43
C LEU A 188 5.02 13.37 -8.27
N LEU A 189 3.99 13.24 -7.44
CA LEU A 189 3.90 14.08 -6.21
CA LEU A 189 3.85 14.01 -6.16
C LEU A 189 4.96 13.80 -5.18
N HIS A 190 5.64 12.65 -5.26
CA HIS A 190 6.70 12.38 -4.33
C HIS A 190 7.75 13.55 -4.23
N VAL A 191 8.08 14.20 -5.33
CA VAL A 191 9.07 15.23 -5.20
CA VAL A 191 9.00 15.32 -5.33
C VAL A 191 8.50 16.48 -4.45
N VAL A 192 7.19 16.63 -4.35
CA VAL A 192 6.59 17.79 -3.60
C VAL A 192 6.48 17.42 -2.11
N ASP A 193 5.96 16.23 -1.84
CA ASP A 193 5.66 15.77 -0.47
C ASP A 193 6.88 15.41 0.39
N PHE A 194 7.89 14.72 -0.15
CA PHE A 194 8.94 14.20 0.75
C PHE A 194 9.79 15.32 1.42
N PRO A 195 10.09 16.42 0.71
CA PRO A 195 10.82 17.52 1.36
C PRO A 195 9.94 18.25 2.37
N MET A 196 8.62 18.10 2.29
CA MET A 196 7.74 18.76 3.30
C MET A 196 7.44 17.93 4.50
N ALA A 197 7.66 16.62 4.43
CA ALA A 197 7.35 15.73 5.53
C ALA A 197 8.13 16.13 6.79
N ASP A 198 7.51 16.07 7.96
CA ASP A 198 8.27 16.30 9.19
C ASP A 198 8.31 15.03 10.04
N LEU A 199 7.72 13.97 9.49
CA LEU A 199 7.76 12.62 10.11
C LEU A 199 7.48 11.61 8.95
N LEU A 200 8.22 10.52 8.89
CA LEU A 200 7.96 9.52 7.89
C LEU A 200 7.59 8.27 8.62
N LEU A 201 6.48 7.65 8.24
CA LEU A 201 6.08 6.41 8.91
CA LEU A 201 6.03 6.42 8.90
C LEU A 201 6.04 5.35 7.81
N ILE A 202 6.66 4.19 8.03
CA ILE A 202 6.76 3.11 7.06
C ILE A 202 6.17 1.87 7.69
N LEU A 203 5.17 1.27 7.02
CA LEU A 203 4.46 0.11 7.61
C LEU A 203 4.33 -1.04 6.61
N GLY A 204 4.75 -2.23 7.02
CA GLY A 204 4.36 -3.46 6.27
C GLY A 204 4.89 -3.45 4.83
N THR A 205 6.15 -3.13 4.64
CA THR A 205 6.77 -3.22 3.34
C THR A 205 8.21 -3.74 3.53
N SER A 206 8.65 -4.63 2.63
CA SER A 206 10.04 -5.10 2.61
C SER A 206 11.01 -4.03 2.02
N LEU A 207 10.49 -3.00 1.36
CA LEU A 207 11.38 -1.94 0.79
C LEU A 207 12.45 -2.54 -0.17
N GLU A 208 12.07 -3.56 -0.93
CA GLU A 208 12.90 -4.19 -2.00
C GLU A 208 12.71 -3.48 -3.34
N VAL A 209 11.51 -2.98 -3.59
CA VAL A 209 11.15 -2.59 -4.92
C VAL A 209 11.33 -1.06 -5.01
N GLU A 210 12.14 -0.64 -5.99
CA GLU A 210 12.37 0.77 -6.44
C GLU A 210 11.49 1.30 -7.60
N PRO A 211 11.34 2.64 -7.75
CA PRO A 211 11.92 3.79 -6.98
C PRO A 211 11.24 3.96 -5.62
N PHE A 212 10.22 3.15 -5.38
CA PHE A 212 9.48 3.30 -4.14
C PHE A 212 10.35 3.25 -2.90
N ALA A 213 11.32 2.30 -2.78
CA ALA A 213 12.16 2.10 -1.54
C ALA A 213 13.13 3.24 -1.20
N SER A 214 13.67 3.84 -2.24
CA SER A 214 14.53 4.98 -2.12
CA SER A 214 14.55 4.97 -2.07
C SER A 214 13.79 6.22 -1.63
N LEU A 215 12.46 6.23 -1.73
CA LEU A 215 11.72 7.33 -1.11
C LEU A 215 11.99 7.50 0.41
N THR A 216 12.31 6.43 1.13
CA THR A 216 12.69 6.56 2.58
C THR A 216 13.90 7.49 2.78
N GLU A 217 14.75 7.63 1.76
CA GLU A 217 15.95 8.47 1.80
CA GLU A 217 15.94 8.48 1.88
C GLU A 217 15.66 9.92 1.43
N ALA A 218 14.47 10.16 0.84
CA ALA A 218 14.09 11.46 0.26
C ALA A 218 13.62 12.49 1.29
N VAL A 219 13.28 12.05 2.50
CA VAL A 219 12.99 13.04 3.56
C VAL A 219 14.31 13.71 4.07
N ARG A 220 14.15 14.87 4.70
CA ARG A 220 15.26 15.58 5.40
C ARG A 220 15.89 14.70 6.47
N SER A 221 17.22 14.82 6.64
CA SER A 221 17.94 13.98 7.63
CA SER A 221 17.90 13.95 7.60
C SER A 221 17.47 14.23 9.03
N SER A 222 16.90 15.40 9.28
CA SER A 222 16.44 15.66 10.64
C SER A 222 15.08 14.95 10.97
N VAL A 223 14.40 14.45 9.95
CA VAL A 223 13.06 13.89 10.11
C VAL A 223 13.13 12.48 10.67
N PRO A 224 12.40 12.22 11.75
CA PRO A 224 12.37 10.82 12.19
C PRO A 224 11.67 9.94 11.16
N ARG A 225 12.17 8.71 11.00
CA ARG A 225 11.60 7.66 10.18
C ARG A 225 11.25 6.51 11.13
N LEU A 226 9.95 6.22 11.27
CA LEU A 226 9.46 5.19 12.16
C LEU A 226 8.98 4.01 11.30
N LEU A 227 9.65 2.88 11.48
CA LEU A 227 9.27 1.68 10.77
C LEU A 227 8.46 0.74 11.68
N ILE A 228 7.27 0.34 11.23
CA ILE A 228 6.46 -0.64 11.97
C ILE A 228 6.29 -1.82 11.05
N ASN A 229 7.04 -2.89 11.33
CA ASN A 229 7.15 -3.99 10.37
C ASN A 229 7.68 -5.22 11.12
N ARG A 230 7.46 -6.42 10.57
CA ARG A 230 8.12 -7.64 11.06
CA ARG A 230 8.09 -7.62 11.11
C ARG A 230 9.64 -7.49 11.22
N ASP A 231 10.29 -6.96 10.20
CA ASP A 231 11.77 -6.88 10.19
C ASP A 231 12.29 -5.50 9.84
N LEU A 232 13.55 -5.25 10.18
CA LEU A 232 14.25 -4.04 9.83
C LEU A 232 14.70 -4.19 8.36
N VAL A 233 14.33 -3.27 7.48
CA VAL A 233 14.47 -3.49 6.06
C VAL A 233 14.91 -2.30 5.22
N GLY A 234 15.44 -2.57 4.02
CA GLY A 234 15.66 -1.45 3.08
C GLY A 234 16.69 -0.43 3.62
N PRO A 235 16.53 0.85 3.26
CA PRO A 235 17.47 1.85 3.78
C PRO A 235 17.50 2.01 5.26
N LEU A 236 16.44 1.62 5.98
CA LEU A 236 16.48 1.68 7.44
CA LEU A 236 16.43 1.65 7.44
C LEU A 236 17.41 0.62 8.05
N ALA A 237 17.59 -0.51 7.39
CA ALA A 237 18.66 -1.45 7.80
C ALA A 237 20.05 -1.00 7.26
N TRP A 238 20.15 -0.63 5.95
CA TRP A 238 21.45 -0.47 5.28
C TRP A 238 21.95 0.96 5.29
N HIS A 239 21.06 1.93 5.56
CA HIS A 239 21.50 3.34 5.62
C HIS A 239 20.82 4.04 6.76
N PRO A 240 20.96 3.47 7.97
CA PRO A 240 20.27 4.05 9.11
C PRO A 240 20.65 5.54 9.33
N ARG A 241 19.71 6.34 9.84
CA ARG A 241 19.94 7.72 10.28
C ARG A 241 19.72 7.80 11.79
N SER A 242 20.24 8.87 12.44
CA SER A 242 20.25 8.91 13.92
C SER A 242 18.82 9.08 14.52
N ARG A 243 17.90 9.67 13.76
CA ARG A 243 16.48 9.77 14.24
C ARG A 243 15.53 8.62 13.71
N ASP A 244 16.11 7.47 13.36
CA ASP A 244 15.25 6.29 12.97
C ASP A 244 14.74 5.58 14.21
N VAL A 245 13.51 5.06 14.13
CA VAL A 245 12.94 4.26 15.18
C VAL A 245 12.38 2.97 14.54
N ALA A 246 12.60 1.80 15.15
CA ALA A 246 12.04 0.60 14.58
C ALA A 246 11.13 -0.08 15.60
N GLN A 247 9.89 -0.34 15.24
CA GLN A 247 9.00 -1.04 16.16
C GLN A 247 8.71 -2.40 15.45
N LEU A 248 9.53 -3.40 15.76
CA LEU A 248 9.54 -4.67 15.04
C LEU A 248 8.61 -5.67 15.67
N GLY A 249 7.89 -6.40 14.84
CA GLY A 249 6.84 -7.32 15.33
C GLY A 249 5.58 -7.16 14.45
N ASP A 250 4.50 -7.83 14.86
CA ASP A 250 3.27 -7.77 14.13
C ASP A 250 2.86 -6.28 13.96
N VAL A 251 2.36 -5.95 12.78
CA VAL A 251 2.04 -4.54 12.48
C VAL A 251 0.84 -3.99 13.27
N VAL A 252 -0.13 -4.87 13.54
CA VAL A 252 -1.28 -4.45 14.36
C VAL A 252 -0.87 -4.19 15.78
N HIS A 253 -0.02 -5.05 16.37
CA HIS A 253 0.41 -4.81 17.74
C HIS A 253 1.29 -3.53 17.78
N GLY A 254 2.08 -3.32 16.73
CA GLY A 254 2.95 -2.16 16.71
C GLY A 254 2.16 -0.86 16.68
N VAL A 255 1.15 -0.83 15.81
CA VAL A 255 0.25 0.30 15.69
C VAL A 255 -0.52 0.55 17.00
N GLU A 256 -1.00 -0.53 17.65
CA GLU A 256 -1.75 -0.40 18.90
C GLU A 256 -0.83 0.16 20.04
N SER A 257 0.44 -0.22 20.04
CA SER A 257 1.46 0.27 21.01
C SER A 257 1.61 1.80 20.80
N LEU A 258 1.73 2.23 19.53
CA LEU A 258 1.89 3.64 19.25
C LEU A 258 0.63 4.41 19.65
N VAL A 259 -0.52 3.86 19.30
CA VAL A 259 -1.82 4.44 19.56
C VAL A 259 -2.03 4.69 21.06
N GLU A 260 -1.56 3.75 21.90
CA GLU A 260 -1.66 3.82 23.36
C GLU A 260 -0.71 4.92 23.88
N LEU A 261 0.55 4.91 23.46
CA LEU A 261 1.47 5.99 23.75
C LEU A 261 0.93 7.38 23.29
N LEU A 262 0.13 7.40 22.22
CA LEU A 262 -0.48 8.66 21.76
C LEU A 262 -1.66 9.09 22.62
N GLY A 263 -2.20 8.16 23.43
CA GLY A 263 -3.45 8.36 24.15
C GLY A 263 -4.63 8.41 23.24
N TRP A 264 -4.55 7.65 22.15
CA TRP A 264 -5.67 7.61 21.22
C TRP A 264 -6.46 6.27 21.26
N THR A 265 -6.15 5.39 22.23
CA THR A 265 -6.79 4.06 22.36
C THR A 265 -8.27 4.07 22.34
N GLU A 266 -8.87 4.87 23.22
CA GLU A 266 -10.33 5.05 23.18
C GLU A 266 -10.88 5.62 21.88
N GLU A 267 -10.29 6.71 21.37
CA GLU A 267 -10.78 7.25 20.04
C GLU A 267 -10.64 6.24 18.85
N MET A 268 -9.58 5.42 18.87
CA MET A 268 -9.45 4.31 17.86
C MET A 268 -10.57 3.29 18.00
N ARG A 269 -10.78 2.85 19.24
CA ARG A 269 -11.80 1.83 19.56
C ARG A 269 -13.17 2.32 19.05
N ASP A 270 -13.47 3.56 19.41
CA ASP A 270 -14.61 4.35 18.92
C ASP A 270 -14.68 4.32 17.39
N LEU A 271 -13.66 4.85 16.69
CA LEU A 271 -13.63 4.88 15.20
C LEU A 271 -13.79 3.52 14.52
N VAL A 272 -13.08 2.49 15.02
CA VAL A 272 -13.14 1.15 14.41
C VAL A 272 -14.57 0.56 14.53
N GLN A 273 -15.16 0.70 15.72
CA GLN A 273 -16.54 0.30 15.92
C GLN A 273 -17.50 1.03 14.97
N ARG A 274 -17.48 2.35 14.96
CA ARG A 274 -18.22 3.13 13.94
C ARG A 274 -18.01 2.71 12.46
N GLU A 275 -16.77 2.57 12.00
CA GLU A 275 -16.59 2.23 10.58
C GLU A 275 -17.00 0.80 10.29
N THR A 276 -16.78 -0.09 11.25
CA THR A 276 -17.23 -1.47 11.07
C THR A 276 -18.73 -1.52 10.81
N GLY A 277 -19.50 -0.72 11.53
CA GLY A 277 -20.97 -0.66 11.38
C GLY A 277 -21.37 -0.20 9.99
N LYS A 278 -20.75 0.90 9.53
CA LYS A 278 -20.93 1.36 8.16
C LYS A 278 -20.57 0.29 7.13
N LEU A 279 -19.64 -0.59 7.51
CA LEU A 279 -19.33 -1.74 6.70
C LEU A 279 -20.23 -2.86 7.14
NAQ OCZ B . -2.36 -5.96 -0.69
OAP OCZ B . -2.63 -4.87 -2.63
CAO OCZ B . -2.02 -5.70 -1.95
NAG OCZ B . 0.16 -5.02 -4.37
CAJ OCZ B . -1.47 -8.28 -4.80
CAD OCZ B . 0.79 -4.38 -6.64
CAC OCZ B . 0.87 -4.75 -7.96
CAE OCZ B . 0.28 -5.21 -5.71
CL OCZ B . 0.40 -6.44 -10.11
CAF OCZ B . -0.30 -6.38 -6.06
CAA OCZ B . -0.27 -6.79 -7.36
CAH OCZ B . -0.82 -6.96 -4.96
CAI OCZ B . -0.53 -6.12 -3.89
CAB OCZ B . 0.32 -5.97 -8.35
CAM OCZ B . -1.99 -8.51 -3.27
CAK OCZ B . -0.85 -6.42 -2.49
CAL OCZ B . -0.92 -8.01 -2.31
N1 AR6 C . 3.14 -7.63 10.68
C2 AR6 C . 4.35 -7.04 10.46
N3 AR6 C . 4.96 -7.12 9.28
C4 AR6 C . 4.40 -7.83 8.27
C5 AR6 C . 3.15 -8.53 8.48
C6 AR6 C . 2.52 -8.38 9.77
N6 AR6 C . 1.33 -8.96 10.03
N7 AR6 C . 2.84 -9.20 7.32
C8 AR6 C . 3.85 -8.93 6.46
N9 AR6 C . 4.79 -8.17 7.03
PA AR6 C . 6.49 -7.65 0.54
PB AR6 C . 5.64 -5.06 -0.48
C1' AR6 C . 5.97 -7.65 6.40
O1A AR6 C . 5.76 -8.96 0.65
O1B AR6 C . 4.28 -4.42 -0.52
C1D AR6 C . 5.68 -6.30 -5.82
O1D AR6 C . 6.34 -5.88 -7.05
C2' AR6 C . 6.80 -8.73 5.74
O2' AR6 C . 7.68 -9.16 6.82
O2A AR6 C . 7.73 -7.47 -0.32
O2B AR6 C . 6.77 -4.44 0.29
C2D AR6 C . 4.40 -5.50 -5.84
O2D AR6 C . 4.63 -4.43 -6.79
C3' AR6 C . 7.51 -7.92 4.67
O3' AR6 C . 8.59 -7.22 5.30
O3A AR6 C . 5.41 -6.61 -0.04
C3D AR6 C . 4.35 -4.91 -4.45
O3D AR6 C . 3.64 -3.65 -4.35
C4' AR6 C . 6.48 -6.84 4.30
O4' AR6 C . 5.47 -6.82 5.33
C4D AR6 C . 5.79 -4.76 -4.05
O4D AR6 C . 6.49 -5.74 -4.79
C5' AR6 C . 5.76 -7.23 2.99
O5' AR6 C . 6.81 -7.26 2.02
C5D AR6 C . 5.63 -5.58 -2.78
O5D AR6 C . 6.29 -4.83 -1.90
ZN ZN D . -9.82 -2.30 -27.32
#